data_2ZA0
#
_entry.id   2ZA0
#
_cell.length_a   41.982
_cell.length_b   65.314
_cell.length_c   66.159
_cell.angle_alpha   90.00
_cell.angle_beta   101.18
_cell.angle_gamma   90.00
#
_symmetry.space_group_name_H-M   'P 1 21 1'
#
loop_
_entity.id
_entity.type
_entity.pdbx_description
1 polymer 'Glyoxalase I'
2 non-polymer 'ZINC ION'
3 non-polymer 'methyl 4-(2,3-dihydroxy-5-methylphenoxy)-2-hydroxy-6-methylbenzoate'
4 water water
#
_entity_poly.entity_id   1
_entity_poly.type   'polypeptide(L)'
_entity_poly.pdbx_seq_one_letter_code
;MAEPQPASSGLTDETAFSCCSDPDPSTKDFLLQQTMLRIKDPKKSLDFYTRVLGLTLLQKLDFPAMKFSLYFLAYEDKND
IPKDKSEKTAWTFSRKATLELTHNWGTEDDETQSYHNGNSDPRGFGHIGIAVPDVYSACKRFEELGVKFVKKPDDGKMKG
LAFIQDPDGYWIEILNPNKIATII
;
_entity_poly.pdbx_strand_id   A,B
#
# COMPACT_ATOMS: atom_id res chain seq x y z
N PRO A 4 20.81 -22.95 25.03
CA PRO A 4 20.89 -22.75 23.56
C PRO A 4 19.80 -21.83 23.02
N GLN A 5 20.20 -20.95 22.11
CA GLN A 5 19.29 -19.98 21.49
C GLN A 5 18.02 -20.68 20.99
N PRO A 6 16.85 -20.27 21.49
CA PRO A 6 15.63 -20.93 21.02
C PRO A 6 15.32 -20.63 19.56
N ALA A 7 14.66 -21.56 18.90
CA ALA A 7 14.25 -21.38 17.51
C ALA A 7 13.23 -20.24 17.57
N SER A 8 13.22 -19.37 16.55
CA SER A 8 12.27 -18.26 16.54
C SER A 8 10.83 -18.73 16.58
N SER A 9 10.05 -18.11 17.45
CA SER A 9 8.62 -18.41 17.56
C SER A 9 7.90 -17.07 17.34
N GLY A 10 8.66 -16.12 16.80
CA GLY A 10 8.12 -14.80 16.55
C GLY A 10 7.98 -14.05 17.85
N LEU A 11 7.23 -12.95 17.85
CA LEU A 11 7.04 -12.20 19.09
C LEU A 11 5.75 -12.51 19.82
N THR A 12 5.82 -12.42 21.14
CA THR A 12 4.60 -12.58 21.92
C THR A 12 3.86 -11.25 21.70
N ASP A 13 2.57 -11.22 22.00
CA ASP A 13 1.82 -9.96 21.87
C ASP A 13 2.43 -8.90 22.79
N GLU A 14 2.80 -9.32 24.01
CA GLU A 14 3.38 -8.40 24.98
C GLU A 14 4.63 -7.75 24.46
N THR A 15 5.54 -8.55 23.91
CA THR A 15 6.78 -8.00 23.40
C THR A 15 6.52 -7.08 22.24
N ALA A 16 5.61 -7.47 21.35
CA ALA A 16 5.30 -6.62 20.18
C ALA A 16 4.79 -5.24 20.59
N PHE A 17 3.81 -5.21 21.49
CA PHE A 17 3.27 -3.91 21.91
C PHE A 17 4.29 -3.16 22.76
N SER A 18 5.18 -3.89 23.39
CA SER A 18 6.23 -3.27 24.22
C SER A 18 7.17 -2.46 23.33
N CYS A 19 7.23 -2.81 22.04
CA CYS A 19 8.09 -2.09 21.10
C CYS A 19 7.40 -0.90 20.45
N CYS A 20 6.14 -0.65 20.81
CA CYS A 20 5.42 0.44 20.20
C CYS A 20 5.40 1.70 21.03
N SER A 21 5.73 2.83 20.40
CA SER A 21 5.71 4.11 21.07
C SER A 21 4.46 4.90 20.66
N ASP A 22 3.91 5.71 21.55
CA ASP A 22 2.77 6.53 21.16
C ASP A 22 3.32 7.56 20.17
N PRO A 23 2.48 8.03 19.27
CA PRO A 23 2.91 9.01 18.26
C PRO A 23 3.41 10.34 18.79
N ASP A 24 4.48 10.84 18.19
CA ASP A 24 4.99 12.15 18.57
C ASP A 24 3.96 13.17 18.07
N PRO A 25 3.65 14.19 18.88
CA PRO A 25 2.68 15.23 18.49
C PRO A 25 2.93 15.80 17.09
N SER A 26 4.20 15.85 16.68
CA SER A 26 4.50 16.41 15.35
C SER A 26 3.95 15.57 14.19
N THR A 27 3.54 14.33 14.46
CA THR A 27 3.03 13.47 13.37
C THR A 27 1.52 13.36 13.40
N LYS A 28 0.87 14.17 14.22
CA LYS A 28 -0.56 14.06 14.39
C LYS A 28 -1.39 14.19 13.13
N ASP A 29 -0.88 14.89 12.13
CA ASP A 29 -1.67 15.09 10.92
C ASP A 29 -1.19 14.25 9.74
N PHE A 30 -0.23 13.36 10.01
CA PHE A 30 0.28 12.52 8.94
C PHE A 30 -0.78 11.53 8.48
N LEU A 31 -0.79 11.22 7.17
CA LEU A 31 -1.74 10.23 6.67
C LEU A 31 -1.08 9.39 5.59
N LEU A 32 -1.47 8.11 5.54
CA LEU A 32 -0.94 7.13 4.59
C LEU A 32 -1.71 7.38 3.32
N GLN A 33 -1.06 8.08 2.41
CA GLN A 33 -1.67 8.58 1.18
C GLN A 33 -1.63 7.71 -0.07
N GLN A 34 -0.55 6.96 -0.24
CA GLN A 34 -0.45 6.19 -1.46
C GLN A 34 0.40 4.94 -1.37
N THR A 35 0.13 4.02 -2.29
CA THR A 35 0.96 2.81 -2.43
C THR A 35 1.27 2.88 -3.95
N MET A 36 2.54 2.83 -4.32
CA MET A 36 2.91 2.93 -5.73
C MET A 36 3.33 1.61 -6.34
N LEU A 37 2.76 1.30 -7.51
CA LEU A 37 3.08 0.09 -8.27
C LEU A 37 3.40 0.49 -9.69
N ARG A 38 4.40 -0.14 -10.27
CA ARG A 38 4.72 0.17 -11.67
C ARG A 38 3.84 -0.73 -12.54
N ILE A 39 3.24 -0.14 -13.59
CA ILE A 39 2.36 -0.89 -14.49
C ILE A 39 2.85 -0.82 -15.93
N LYS A 40 2.79 -1.96 -16.60
CA LYS A 40 3.23 -2.09 -17.98
C LYS A 40 2.33 -1.41 -19.00
N ASP A 41 1.02 -1.49 -18.78
CA ASP A 41 0.06 -0.97 -19.75
C ASP A 41 -1.13 -0.32 -19.08
N PRO A 42 -1.17 1.02 -19.06
CA PRO A 42 -2.27 1.75 -18.44
C PRO A 42 -3.63 1.42 -19.00
N LYS A 43 -3.70 1.08 -20.29
CA LYS A 43 -5.01 0.75 -20.86
C LYS A 43 -5.63 -0.44 -20.12
N LYS A 44 -4.83 -1.47 -19.88
CA LYS A 44 -5.30 -2.66 -19.16
C LYS A 44 -5.51 -2.36 -17.67
N SER A 45 -4.58 -1.62 -17.07
CA SER A 45 -4.69 -1.36 -15.65
C SER A 45 -5.88 -0.46 -15.32
N LEU A 46 -6.10 0.58 -16.11
CA LEU A 46 -7.22 1.48 -15.85
C LEU A 46 -8.55 0.75 -16.00
N ASP A 47 -8.65 -0.11 -17.01
CA ASP A 47 -9.86 -0.87 -17.20
C ASP A 47 -10.07 -1.79 -16.00
N PHE A 48 -9.03 -2.47 -15.56
CA PHE A 48 -9.16 -3.38 -14.42
C PHE A 48 -9.56 -2.66 -13.11
N TYR A 49 -8.81 -1.65 -12.72
CA TYR A 49 -9.12 -1.00 -11.47
C TYR A 49 -10.43 -0.25 -11.45
N THR A 50 -10.85 0.29 -12.59
CA THR A 50 -12.12 1.02 -12.59
C THR A 50 -13.32 0.12 -12.87
N ARG A 51 -13.24 -0.69 -13.92
CA ARG A 51 -14.36 -1.57 -14.28
C ARG A 51 -14.52 -2.77 -13.38
N VAL A 52 -13.43 -3.46 -13.07
CA VAL A 52 -13.54 -4.64 -12.24
C VAL A 52 -13.60 -4.29 -10.76
N LEU A 53 -12.69 -3.45 -10.29
CA LEU A 53 -12.67 -3.13 -8.86
C LEU A 53 -13.47 -1.93 -8.41
N GLY A 54 -13.89 -1.09 -9.34
CA GLY A 54 -14.70 0.05 -8.95
C GLY A 54 -13.98 1.28 -8.41
N LEU A 55 -12.67 1.38 -8.65
CA LEU A 55 -11.98 2.59 -8.19
C LEU A 55 -12.24 3.67 -9.22
N THR A 56 -11.85 4.89 -8.89
CA THR A 56 -11.99 6.05 -9.75
C THR A 56 -10.64 6.66 -10.04
N LEU A 57 -10.42 7.04 -11.29
CA LEU A 57 -9.17 7.69 -11.65
C LEU A 57 -9.31 9.12 -11.14
N LEU A 58 -8.45 9.51 -10.20
CA LEU A 58 -8.51 10.86 -9.64
C LEU A 58 -7.76 11.83 -10.54
N GLN A 59 -6.60 11.42 -11.01
CA GLN A 59 -5.78 12.32 -11.79
C GLN A 59 -4.68 11.61 -12.56
N LYS A 60 -4.41 12.12 -13.76
CA LYS A 60 -3.36 11.59 -14.61
C LYS A 60 -2.32 12.70 -14.69
N LEU A 61 -1.09 12.39 -14.30
CA LEU A 61 0.00 13.38 -14.32
C LEU A 61 1.07 12.91 -15.26
N ASP A 62 1.42 13.75 -16.24
CA ASP A 62 2.44 13.38 -17.22
C ASP A 62 3.73 14.15 -16.98
N PHE A 63 4.87 13.45 -17.06
CA PHE A 63 6.18 14.07 -16.85
C PHE A 63 7.01 13.83 -18.10
N PRO A 64 6.77 14.65 -19.13
CA PRO A 64 7.50 14.47 -20.38
C PRO A 64 9.02 14.47 -20.32
N ALA A 65 9.62 15.29 -19.47
CA ALA A 65 11.08 15.34 -19.36
C ALA A 65 11.65 14.02 -18.85
N MET A 66 10.85 13.29 -18.06
CA MET A 66 11.28 12.02 -17.48
C MET A 66 10.65 10.80 -18.10
N LYS A 67 9.79 11.03 -19.09
CA LYS A 67 9.12 9.98 -19.84
C LYS A 67 8.28 9.00 -19.01
N PHE A 68 7.49 9.52 -18.08
CA PHE A 68 6.59 8.64 -17.33
C PHE A 68 5.32 9.37 -17.00
N SER A 69 4.29 8.64 -16.60
CA SER A 69 3.03 9.22 -16.19
C SER A 69 2.64 8.54 -14.88
N LEU A 70 1.88 9.24 -14.07
CA LEU A 70 1.35 8.67 -12.82
C LEU A 70 -0.16 8.69 -12.95
N TYR A 71 -0.79 7.60 -12.52
CA TYR A 71 -2.25 7.49 -12.53
C TYR A 71 -2.68 7.22 -11.11
N PHE A 72 -3.42 8.15 -10.50
CA PHE A 72 -3.88 7.98 -9.14
C PHE A 72 -5.30 7.48 -9.10
N LEU A 73 -5.49 6.29 -8.52
CA LEU A 73 -6.81 5.66 -8.40
C LEU A 73 -7.20 5.54 -6.93
N ALA A 74 -8.49 5.67 -6.64
CA ALA A 74 -8.91 5.57 -5.24
C ALA A 74 -10.42 5.36 -5.22
N TYR A 75 -10.94 4.94 -4.08
CA TYR A 75 -12.38 4.76 -3.93
C TYR A 75 -12.92 6.13 -3.49
N GLU A 76 -13.29 6.93 -4.48
CA GLU A 76 -13.79 8.28 -4.27
C GLU A 76 -14.88 8.51 -5.29
N ASP A 77 -15.74 9.46 -5.00
CA ASP A 77 -16.83 9.85 -5.88
C ASP A 77 -16.22 10.83 -6.86
N LYS A 78 -16.33 10.49 -8.13
CA LYS A 78 -15.86 11.27 -9.26
C LYS A 78 -16.35 12.71 -9.17
N ASN A 79 -17.52 12.91 -8.56
CA ASN A 79 -18.05 14.27 -8.44
C ASN A 79 -17.33 15.13 -7.41
N ASP A 80 -16.50 14.51 -6.57
CA ASP A 80 -15.74 15.26 -5.58
C ASP A 80 -14.41 15.75 -6.13
N ILE A 81 -14.05 15.32 -7.34
CA ILE A 81 -12.77 15.73 -7.91
C ILE A 81 -12.82 17.17 -8.45
N PRO A 82 -11.98 18.07 -7.92
CA PRO A 82 -12.00 19.46 -8.42
C PRO A 82 -11.60 19.46 -9.89
N LYS A 83 -12.14 20.40 -10.65
CA LYS A 83 -11.88 20.49 -12.07
C LYS A 83 -10.54 21.12 -12.44
N ASP A 84 -10.20 22.20 -11.73
CA ASP A 84 -8.97 22.93 -11.98
C ASP A 84 -7.75 22.07 -11.67
N LYS A 85 -6.81 22.03 -12.60
CA LYS A 85 -5.62 21.20 -12.39
C LYS A 85 -4.93 21.43 -11.06
N SER A 86 -4.79 22.69 -10.64
CA SER A 86 -4.12 22.97 -9.37
C SER A 86 -4.94 22.50 -8.19
N GLU A 87 -6.24 22.71 -8.28
CA GLU A 87 -7.15 22.30 -7.22
C GLU A 87 -7.22 20.79 -7.18
N LYS A 88 -7.25 20.18 -8.36
CA LYS A 88 -7.32 18.73 -8.47
C LYS A 88 -6.07 18.12 -7.80
N THR A 89 -4.90 18.69 -8.08
CA THR A 89 -3.65 18.17 -7.53
C THR A 89 -3.61 18.15 -6.00
N ALA A 90 -3.99 19.23 -5.34
CA ALA A 90 -3.95 19.28 -3.87
C ALA A 90 -4.96 18.35 -3.22
N TRP A 91 -6.06 18.07 -3.92
CA TRP A 91 -7.09 17.20 -3.40
C TRP A 91 -6.61 15.74 -3.56
N THR A 92 -6.18 15.40 -4.76
CA THR A 92 -5.70 14.05 -5.05
C THR A 92 -4.67 13.61 -4.02
N PHE A 93 -3.66 14.45 -3.77
CA PHE A 93 -2.59 14.10 -2.82
C PHE A 93 -2.91 14.19 -1.32
N SER A 94 -4.14 14.59 -0.97
CA SER A 94 -4.54 14.63 0.44
C SER A 94 -5.63 13.56 0.68
N ARG A 95 -5.90 12.75 -0.34
CA ARG A 95 -6.85 11.64 -0.16
C ARG A 95 -6.09 10.48 0.50
N LYS A 96 -6.75 9.78 1.42
CA LYS A 96 -6.16 8.60 2.06
C LYS A 96 -6.34 7.43 1.14
N ALA A 97 -5.47 6.44 1.27
CA ALA A 97 -5.64 5.19 0.53
C ALA A 97 -5.69 5.25 -0.98
N THR A 98 -4.77 5.97 -1.61
CA THR A 98 -4.77 5.96 -3.08
C THR A 98 -3.74 4.96 -3.59
N LEU A 99 -3.84 4.66 -4.87
CA LEU A 99 -2.93 3.75 -5.55
C LEU A 99 -2.30 4.62 -6.62
N GLU A 100 -0.97 4.67 -6.62
CA GLU A 100 -0.23 5.45 -7.60
C GLU A 100 0.32 4.45 -8.59
N LEU A 101 -0.20 4.48 -9.81
CA LEU A 101 0.26 3.55 -10.83
C LEU A 101 1.22 4.30 -11.70
N THR A 102 2.46 3.85 -11.73
CA THR A 102 3.51 4.51 -12.50
C THR A 102 3.70 3.86 -13.86
N HIS A 103 3.59 4.67 -14.91
CA HIS A 103 3.75 4.16 -16.26
C HIS A 103 5.01 4.76 -16.89
N ASN A 104 6.02 3.93 -17.09
CA ASN A 104 7.24 4.36 -17.76
C ASN A 104 6.91 4.18 -19.24
N TRP A 105 6.89 5.28 -20.00
CA TRP A 105 6.49 5.22 -21.41
C TRP A 105 7.19 4.15 -22.22
N GLY A 106 6.42 3.48 -23.07
CA GLY A 106 7.01 2.46 -23.91
C GLY A 106 6.93 1.01 -23.45
N THR A 107 6.80 0.75 -22.14
CA THR A 107 6.73 -0.62 -21.69
C THR A 107 5.58 -1.42 -22.33
N GLU A 108 4.44 -0.80 -22.63
CA GLU A 108 3.33 -1.58 -23.18
C GLU A 108 3.65 -2.15 -24.57
N ASP A 109 4.67 -1.60 -25.23
CA ASP A 109 5.03 -2.08 -26.56
C ASP A 109 6.32 -2.88 -26.57
N ASP A 110 6.88 -3.13 -25.40
CA ASP A 110 8.11 -3.91 -25.30
C ASP A 110 7.74 -5.30 -24.85
N GLU A 111 7.68 -6.21 -25.81
CA GLU A 111 7.31 -7.59 -25.51
C GLU A 111 8.21 -8.33 -24.54
N THR A 112 9.41 -7.83 -24.28
CA THR A 112 10.32 -8.52 -23.36
C THR A 112 10.25 -7.96 -21.95
N GLN A 113 9.44 -6.93 -21.76
CA GLN A 113 9.35 -6.28 -20.47
C GLN A 113 8.15 -6.71 -19.63
N SER A 114 8.39 -6.81 -18.33
CA SER A 114 7.34 -7.13 -17.37
C SER A 114 7.85 -6.79 -15.98
N TYR A 115 6.94 -6.40 -15.10
CA TYR A 115 7.29 -6.08 -13.73
C TYR A 115 7.16 -7.33 -12.86
N HIS A 116 7.75 -7.26 -11.68
CA HIS A 116 7.80 -8.38 -10.73
C HIS A 116 6.85 -8.06 -9.58
N ASN A 117 6.04 -9.04 -9.20
CA ASN A 117 5.02 -8.81 -8.18
C ASN A 117 5.44 -8.97 -6.73
N GLY A 118 6.73 -9.27 -6.49
CA GLY A 118 7.22 -9.41 -5.12
C GLY A 118 6.93 -10.74 -4.42
N ASN A 119 6.21 -11.66 -5.06
CA ASN A 119 5.87 -12.92 -4.39
C ASN A 119 6.68 -14.14 -4.78
N SER A 120 7.66 -13.93 -5.65
CA SER A 120 8.58 -14.99 -6.03
C SER A 120 9.95 -14.36 -5.88
N ASP A 121 10.98 -15.20 -5.80
CA ASP A 121 12.37 -14.73 -5.65
C ASP A 121 12.68 -13.63 -6.68
N PRO A 122 13.10 -12.42 -6.24
CA PRO A 122 13.33 -11.95 -4.86
C PRO A 122 12.06 -11.36 -4.26
N ARG A 123 11.65 -11.88 -3.11
CA ARG A 123 10.40 -11.42 -2.50
C ARG A 123 10.50 -10.13 -1.71
N GLY A 124 9.38 -9.45 -1.53
CA GLY A 124 9.41 -8.22 -0.76
C GLY A 124 7.95 -7.83 -0.52
N PHE A 125 7.49 -6.90 -1.34
CA PHE A 125 6.08 -6.50 -1.32
C PHE A 125 5.24 -7.74 -1.54
N GLY A 126 4.04 -7.74 -0.94
CA GLY A 126 3.18 -8.90 -1.11
C GLY A 126 1.87 -8.66 -1.85
N HIS A 127 1.09 -7.69 -1.39
CA HIS A 127 -0.19 -7.47 -2.03
C HIS A 127 -0.87 -6.22 -1.51
N ILE A 128 -1.91 -5.78 -2.21
CA ILE A 128 -2.76 -4.73 -1.67
C ILE A 128 -4.03 -5.53 -1.33
N GLY A 129 -4.93 -4.95 -0.55
CA GLY A 129 -6.13 -5.69 -0.17
C GLY A 129 -7.33 -4.78 -0.13
N ILE A 130 -8.46 -5.30 -0.54
CA ILE A 130 -9.72 -4.57 -0.59
C ILE A 130 -10.73 -5.24 0.29
N ALA A 131 -11.36 -4.45 1.15
CA ALA A 131 -12.38 -4.97 2.04
C ALA A 131 -13.72 -4.85 1.29
N VAL A 132 -14.48 -5.95 1.29
CA VAL A 132 -15.76 -6.01 0.61
C VAL A 132 -16.81 -6.56 1.57
N PRO A 133 -18.08 -6.31 1.28
CA PRO A 133 -19.07 -6.84 2.20
C PRO A 133 -19.28 -8.35 2.07
N ASP A 134 -19.01 -8.91 0.89
CA ASP A 134 -19.25 -10.33 0.69
C ASP A 134 -18.20 -10.85 -0.29
N VAL A 135 -17.23 -11.60 0.22
CA VAL A 135 -16.17 -12.13 -0.65
C VAL A 135 -16.72 -13.06 -1.69
N TYR A 136 -17.75 -13.83 -1.32
CA TYR A 136 -18.31 -14.80 -2.25
C TYR A 136 -19.03 -14.16 -3.43
N SER A 137 -19.91 -13.19 -3.18
CA SER A 137 -20.58 -12.56 -4.29
C SER A 137 -19.57 -11.74 -5.09
N ALA A 138 -18.61 -11.11 -4.43
CA ALA A 138 -17.61 -10.34 -5.16
C ALA A 138 -16.82 -11.24 -6.11
N CYS A 139 -16.39 -12.40 -5.63
CA CYS A 139 -15.61 -13.33 -6.45
C CYS A 139 -16.42 -14.01 -7.55
N LYS A 140 -17.72 -14.20 -7.29
CA LYS A 140 -18.58 -14.78 -8.31
C LYS A 140 -18.57 -13.81 -9.50
N ARG A 141 -18.68 -12.52 -9.21
CA ARG A 141 -18.65 -11.49 -10.27
C ARG A 141 -17.27 -11.41 -10.93
N PHE A 142 -16.20 -11.52 -10.16
CA PHE A 142 -14.86 -11.51 -10.78
C PHE A 142 -14.70 -12.68 -11.74
N GLU A 143 -15.24 -13.84 -11.38
CA GLU A 143 -15.18 -15.05 -12.22
C GLU A 143 -15.92 -14.78 -13.53
N GLU A 144 -17.10 -14.21 -13.41
CA GLU A 144 -17.90 -13.93 -14.60
C GLU A 144 -17.21 -12.92 -15.52
N LEU A 145 -16.34 -12.08 -14.96
CA LEU A 145 -15.61 -11.08 -15.74
C LEU A 145 -14.23 -11.53 -16.21
N GLY A 146 -13.89 -12.79 -15.97
CA GLY A 146 -12.63 -13.36 -16.41
C GLY A 146 -11.39 -13.03 -15.59
N VAL A 147 -11.59 -12.56 -14.37
CA VAL A 147 -10.46 -12.20 -13.51
C VAL A 147 -9.61 -13.43 -13.19
N LYS A 148 -8.29 -13.24 -13.19
CA LYS A 148 -7.38 -14.33 -12.87
C LYS A 148 -7.26 -14.46 -11.34
N PHE A 149 -7.48 -15.67 -10.81
CA PHE A 149 -7.39 -15.90 -9.37
C PHE A 149 -6.09 -16.53 -8.94
N VAL A 150 -5.58 -16.08 -7.77
CA VAL A 150 -4.39 -16.65 -7.15
C VAL A 150 -4.94 -17.68 -6.15
N LYS A 151 -6.01 -17.31 -5.45
CA LYS A 151 -6.65 -18.22 -4.49
C LYS A 151 -8.14 -17.94 -4.46
N LYS A 152 -8.96 -18.93 -4.85
CA LYS A 152 -10.40 -18.75 -4.78
C LYS A 152 -10.77 -18.79 -3.31
N PRO A 153 -11.89 -18.14 -2.93
CA PRO A 153 -12.25 -18.13 -1.51
C PRO A 153 -12.35 -19.44 -0.76
N ASP A 154 -12.84 -20.49 -1.41
CA ASP A 154 -12.96 -21.77 -0.73
C ASP A 154 -11.86 -22.76 -1.01
N ASP A 155 -10.85 -22.31 -1.74
CA ASP A 155 -9.72 -23.16 -2.07
C ASP A 155 -8.57 -22.91 -1.10
N GLY A 156 -7.84 -23.98 -0.82
CA GLY A 156 -6.67 -23.89 0.04
C GLY A 156 -6.88 -23.49 1.48
N LYS A 157 -5.91 -22.71 1.97
CA LYS A 157 -5.93 -22.25 3.32
C LYS A 157 -6.77 -20.99 3.44
N MET A 158 -7.13 -20.65 4.67
CA MET A 158 -7.90 -19.44 4.94
C MET A 158 -9.17 -19.35 4.09
N LYS A 159 -10.08 -20.31 4.24
CA LYS A 159 -11.31 -20.25 3.46
C LYS A 159 -12.12 -19.01 3.85
N GLY A 160 -12.70 -18.36 2.85
CA GLY A 160 -13.46 -17.14 3.10
C GLY A 160 -12.66 -15.91 2.69
N LEU A 161 -11.38 -16.12 2.42
CA LEU A 161 -10.47 -15.07 1.98
C LEU A 161 -10.01 -15.40 0.55
N ALA A 162 -9.94 -14.41 -0.34
CA ALA A 162 -9.48 -14.71 -1.70
C ALA A 162 -8.36 -13.77 -2.13
N PHE A 163 -7.68 -14.15 -3.22
CA PHE A 163 -6.62 -13.35 -3.81
C PHE A 163 -6.79 -13.41 -5.31
N ILE A 164 -6.80 -12.24 -5.95
CA ILE A 164 -6.86 -12.17 -7.42
C ILE A 164 -5.62 -11.43 -7.87
N GLN A 165 -5.46 -11.27 -9.18
CA GLN A 165 -4.32 -10.51 -9.67
C GLN A 165 -4.71 -9.49 -10.71
N ASP A 166 -3.96 -8.39 -10.76
CA ASP A 166 -4.24 -7.35 -11.75
C ASP A 166 -3.46 -7.67 -13.04
N PRO A 167 -3.59 -6.83 -14.07
CA PRO A 167 -2.90 -7.10 -15.34
C PRO A 167 -1.40 -7.33 -15.28
N ASP A 168 -0.73 -6.73 -14.27
CA ASP A 168 0.71 -6.93 -14.12
C ASP A 168 1.03 -8.11 -13.23
N GLY A 169 0.00 -8.74 -12.67
CA GLY A 169 0.24 -9.87 -11.80
C GLY A 169 0.35 -9.52 -10.33
N TYR A 170 0.16 -8.25 -9.97
CA TYR A 170 0.20 -7.89 -8.55
C TYR A 170 -0.98 -8.57 -7.89
N TRP A 171 -0.75 -9.11 -6.70
CA TRP A 171 -1.78 -9.80 -5.95
C TRP A 171 -2.66 -8.84 -5.19
N ILE A 172 -3.95 -9.11 -5.16
CA ILE A 172 -4.92 -8.28 -4.46
C ILE A 172 -5.78 -9.16 -3.58
N GLU A 173 -5.73 -8.91 -2.28
CA GLU A 173 -6.52 -9.68 -1.35
C GLU A 173 -7.96 -9.15 -1.34
N ILE A 174 -8.95 -10.05 -1.23
CA ILE A 174 -10.37 -9.66 -1.20
C ILE A 174 -10.85 -10.24 0.14
N LEU A 175 -11.23 -9.36 1.08
CA LEU A 175 -11.60 -9.84 2.39
C LEU A 175 -12.86 -9.18 2.92
N ASN A 176 -13.55 -9.87 3.84
CA ASN A 176 -14.76 -9.36 4.49
C ASN A 176 -14.29 -9.16 5.93
N PRO A 177 -14.14 -7.90 6.37
CA PRO A 177 -13.69 -7.59 7.72
C PRO A 177 -14.40 -8.29 8.86
N ASN A 178 -15.69 -8.52 8.68
CA ASN A 178 -16.48 -9.13 9.76
C ASN A 178 -16.38 -10.64 9.85
N LYS A 179 -15.63 -11.25 8.94
CA LYS A 179 -15.48 -12.70 9.01
C LYS A 179 -14.06 -13.13 9.20
N ILE A 180 -13.14 -12.19 9.24
CA ILE A 180 -11.74 -12.56 9.45
C ILE A 180 -11.50 -13.24 10.80
N ALA A 181 -12.21 -12.78 11.83
CA ALA A 181 -12.01 -13.33 13.17
C ALA A 181 -12.29 -14.83 13.29
N THR A 182 -13.16 -15.33 12.42
CA THR A 182 -13.48 -16.76 12.48
C THR A 182 -12.71 -17.47 11.39
N ILE A 183 -11.53 -16.92 11.12
CA ILE A 183 -10.57 -17.40 10.12
C ILE A 183 -11.15 -17.49 8.73
N SER B 9 6.23 7.80 -26.36
CA SER B 9 5.20 8.75 -25.88
C SER B 9 4.19 8.05 -24.94
N GLY B 10 3.52 8.81 -24.09
CA GLY B 10 2.57 8.20 -23.18
C GLY B 10 1.15 8.17 -23.73
N LEU B 11 0.17 7.88 -22.90
CA LEU B 11 -1.21 7.88 -23.36
C LEU B 11 -1.72 9.29 -23.39
N THR B 12 -2.62 9.57 -24.32
CA THR B 12 -3.24 10.87 -24.36
C THR B 12 -4.29 10.79 -23.24
N ASP B 13 -4.76 11.93 -22.79
CA ASP B 13 -5.82 11.96 -21.79
C ASP B 13 -7.02 11.22 -22.37
N GLU B 14 -7.31 11.46 -23.65
CA GLU B 14 -8.49 10.79 -24.18
C GLU B 14 -8.41 9.29 -24.08
N THR B 15 -7.25 8.75 -24.43
CA THR B 15 -7.05 7.31 -24.44
C THR B 15 -7.20 6.77 -23.02
N ALA B 16 -6.57 7.44 -22.05
CA ALA B 16 -6.66 7.00 -20.65
C ALA B 16 -8.08 7.08 -20.10
N PHE B 17 -8.73 8.23 -20.30
CA PHE B 17 -10.08 8.40 -19.79
C PHE B 17 -11.06 7.39 -20.43
N SER B 18 -10.85 7.06 -21.70
CA SER B 18 -11.71 6.11 -22.40
C SER B 18 -11.58 4.70 -21.85
N CYS B 19 -10.53 4.46 -21.09
CA CYS B 19 -10.35 3.13 -20.51
C CYS B 19 -10.90 3.06 -19.11
N CYS B 20 -11.54 4.14 -18.67
CA CYS B 20 -12.09 4.19 -17.32
C CYS B 20 -13.59 4.00 -17.31
N SER B 21 -14.05 2.91 -16.70
CA SER B 21 -15.48 2.65 -16.62
C SER B 21 -16.02 3.19 -15.31
N ASP B 22 -17.30 3.57 -15.29
CA ASP B 22 -17.85 4.06 -14.03
C ASP B 22 -17.98 2.85 -13.12
N PRO B 23 -17.91 3.04 -11.79
CA PRO B 23 -18.01 1.89 -10.88
C PRO B 23 -19.32 1.14 -10.90
N ASP B 24 -19.21 -0.18 -10.92
CA ASP B 24 -20.38 -1.02 -10.88
C ASP B 24 -20.96 -0.86 -9.47
N PRO B 25 -22.29 -0.73 -9.37
CA PRO B 25 -22.93 -0.57 -8.06
C PRO B 25 -22.60 -1.59 -6.99
N SER B 26 -22.27 -2.81 -7.42
CA SER B 26 -21.95 -3.84 -6.44
C SER B 26 -20.62 -3.57 -5.75
N THR B 27 -19.81 -2.66 -6.31
CA THR B 27 -18.52 -2.35 -5.67
C THR B 27 -18.62 -1.09 -4.81
N LYS B 28 -19.83 -0.53 -4.62
CA LYS B 28 -19.95 0.77 -3.93
C LYS B 28 -19.38 1.02 -2.54
N ASP B 29 -19.26 -0.04 -1.74
CA ASP B 29 -18.73 0.07 -0.42
C ASP B 29 -17.34 -0.56 -0.27
N PHE B 30 -16.74 -0.94 -1.39
CA PHE B 30 -15.39 -1.52 -1.37
C PHE B 30 -14.41 -0.44 -0.85
N LEU B 31 -13.34 -0.84 -0.18
CA LEU B 31 -12.38 0.16 0.29
C LEU B 31 -11.00 -0.46 0.19
N LEU B 32 -9.98 0.39 -0.03
CA LEU B 32 -8.59 -0.08 -0.16
C LEU B 32 -8.07 -0.15 1.27
N GLN B 33 -8.08 -1.35 1.81
CA GLN B 33 -7.78 -1.58 3.21
C GLN B 33 -6.32 -1.77 3.66
N GLN B 34 -5.51 -2.35 2.79
CA GLN B 34 -4.15 -2.65 3.21
C GLN B 34 -3.13 -2.76 2.12
N THR B 35 -1.87 -2.54 2.51
CA THR B 35 -0.73 -2.75 1.65
C THR B 35 0.14 -3.69 2.49
N MET B 36 0.60 -4.78 1.90
CA MET B 36 1.42 -5.74 2.65
C MET B 36 2.87 -5.77 2.24
N LEU B 37 3.75 -5.69 3.24
CA LEU B 37 5.19 -5.77 3.04
C LEU B 37 5.75 -6.85 3.97
N ARG B 38 6.69 -7.64 3.46
CA ARG B 38 7.33 -8.63 4.34
C ARG B 38 8.46 -7.92 5.12
N ILE B 39 8.55 -8.21 6.41
CA ILE B 39 9.57 -7.55 7.24
C ILE B 39 10.50 -8.54 7.92
N LYS B 40 11.78 -8.20 7.93
CA LYS B 40 12.78 -9.08 8.53
C LYS B 40 12.72 -9.19 10.05
N ASP B 41 12.57 -8.05 10.73
CA ASP B 41 12.57 -7.99 12.20
C ASP B 41 11.42 -7.10 12.73
N PRO B 42 10.40 -7.69 13.33
CA PRO B 42 9.28 -6.89 13.83
C PRO B 42 9.68 -5.90 14.92
N LYS B 43 10.69 -6.21 15.73
CA LYS B 43 11.07 -5.25 16.78
C LYS B 43 11.53 -3.93 16.17
N LYS B 44 12.34 -4.01 15.14
CA LYS B 44 12.83 -2.82 14.47
C LYS B 44 11.73 -2.12 13.70
N SER B 45 10.94 -2.90 12.96
CA SER B 45 9.85 -2.32 12.18
C SER B 45 8.79 -1.63 13.02
N LEU B 46 8.38 -2.24 14.13
CA LEU B 46 7.37 -1.66 14.98
C LEU B 46 7.90 -0.37 15.60
N ASP B 47 9.15 -0.37 16.02
CA ASP B 47 9.73 0.85 16.59
C ASP B 47 9.73 1.95 15.53
N PHE B 48 10.12 1.61 14.31
CA PHE B 48 10.16 2.59 13.23
C PHE B 48 8.79 3.20 12.91
N TYR B 49 7.85 2.35 12.53
CA TYR B 49 6.54 2.82 12.15
C TYR B 49 5.77 3.52 13.24
N THR B 50 5.99 3.17 14.52
CA THR B 50 5.25 3.87 15.58
C THR B 50 6.00 5.10 16.12
N ARG B 51 7.21 4.91 16.60
CA ARG B 51 7.98 6.03 17.16
C ARG B 51 8.46 7.06 16.12
N VAL B 52 8.88 6.60 14.96
CA VAL B 52 9.35 7.55 13.96
C VAL B 52 8.24 8.12 13.10
N LEU B 53 7.45 7.25 12.51
CA LEU B 53 6.39 7.74 11.63
C LEU B 53 5.04 8.03 12.30
N GLY B 54 4.86 7.56 13.52
CA GLY B 54 3.62 7.88 14.20
C GLY B 54 2.39 7.03 13.90
N LEU B 55 2.57 5.84 13.32
CA LEU B 55 1.41 4.98 13.11
C LEU B 55 1.15 4.27 14.45
N THR B 56 0.01 3.59 14.55
CA THR B 56 -0.40 2.83 15.74
C THR B 56 -0.59 1.36 15.37
N LEU B 57 -0.08 0.46 16.21
CA LEU B 57 -0.26 -0.98 15.94
C LEU B 57 -1.69 -1.30 16.34
N LEU B 58 -2.54 -1.66 15.37
CA LEU B 58 -3.92 -1.95 15.68
C LEU B 58 -4.15 -3.34 16.20
N GLN B 59 -3.45 -4.31 15.60
CA GLN B 59 -3.66 -5.69 15.94
C GLN B 59 -2.55 -6.55 15.39
N LYS B 60 -2.29 -7.66 16.10
CA LYS B 60 -1.26 -8.63 15.73
C LYS B 60 -1.94 -10.00 15.61
N LEU B 61 -1.69 -10.71 14.52
CA LEU B 61 -2.29 -12.03 14.34
C LEU B 61 -1.16 -13.03 14.16
N ASP B 62 -1.23 -14.14 14.90
CA ASP B 62 -0.18 -15.16 14.73
C ASP B 62 -0.75 -16.43 14.09
N PHE B 63 0.07 -17.10 13.28
CA PHE B 63 -0.31 -18.35 12.60
C PHE B 63 0.85 -19.30 12.84
N PRO B 64 0.85 -19.95 14.02
CA PRO B 64 1.92 -20.88 14.36
C PRO B 64 2.16 -22.02 13.39
N ALA B 65 1.07 -22.55 12.82
CA ALA B 65 1.17 -23.67 11.88
C ALA B 65 1.96 -23.25 10.64
N MET B 66 1.94 -21.97 10.31
CA MET B 66 2.68 -21.52 9.15
C MET B 66 3.88 -20.68 9.53
N LYS B 67 4.14 -20.58 10.84
CA LYS B 67 5.28 -19.85 11.32
C LYS B 67 5.41 -18.40 10.84
N PHE B 68 4.36 -17.62 11.01
CA PHE B 68 4.46 -16.23 10.64
C PHE B 68 3.49 -15.41 11.46
N SER B 69 3.77 -14.12 11.56
CA SER B 69 2.90 -13.20 12.28
C SER B 69 2.51 -12.04 11.36
N LEU B 70 1.34 -11.45 11.59
CA LEU B 70 0.91 -10.29 10.80
C LEU B 70 0.77 -9.10 11.74
N TYR B 71 1.25 -7.93 11.34
CA TYR B 71 1.13 -6.73 12.18
C TYR B 71 0.39 -5.68 11.39
N PHE B 72 -0.72 -5.20 11.93
CA PHE B 72 -1.50 -4.20 11.21
C PHE B 72 -1.33 -2.84 11.85
N LEU B 73 -0.79 -1.90 11.11
CA LEU B 73 -0.55 -0.54 11.60
C LEU B 73 -1.35 0.49 10.79
N ALA B 74 -1.74 1.58 11.44
CA ALA B 74 -2.48 2.61 10.72
C ALA B 74 -2.41 3.91 11.51
N TYR B 75 -2.80 5.01 10.89
CA TYR B 75 -2.87 6.30 11.59
C TYR B 75 -4.27 6.33 12.21
N GLU B 76 -4.37 5.81 13.44
CA GLU B 76 -5.61 5.74 14.19
C GLU B 76 -5.27 6.01 15.65
N ASP B 77 -6.29 6.43 16.40
CA ASP B 77 -6.11 6.68 17.81
C ASP B 77 -6.21 5.33 18.52
N LYS B 78 -5.21 4.97 19.32
CA LYS B 78 -5.28 3.68 20.00
C LYS B 78 -6.49 3.54 20.92
N ASN B 79 -7.03 4.67 21.39
CA ASN B 79 -8.18 4.60 22.28
C ASN B 79 -9.44 4.16 21.56
N ASP B 80 -9.43 4.18 20.22
CA ASP B 80 -10.57 3.78 19.38
C ASP B 80 -10.60 2.30 19.06
N ILE B 81 -9.50 1.62 19.35
CA ILE B 81 -9.40 0.19 19.08
C ILE B 81 -10.25 -0.60 20.05
N PRO B 82 -11.18 -1.40 19.55
CA PRO B 82 -12.03 -2.22 20.44
C PRO B 82 -11.21 -3.19 21.27
N LYS B 83 -11.66 -3.44 22.49
CA LYS B 83 -10.95 -4.35 23.38
C LYS B 83 -11.11 -5.84 23.10
N ASP B 84 -12.33 -6.27 22.78
CA ASP B 84 -12.58 -7.68 22.51
C ASP B 84 -12.03 -8.13 21.17
N LYS B 85 -11.34 -9.26 21.18
CA LYS B 85 -10.71 -9.81 20.00
C LYS B 85 -11.51 -9.81 18.70
N SER B 86 -12.74 -10.33 18.71
CA SER B 86 -13.49 -10.35 17.48
C SER B 86 -13.93 -8.98 17.00
N GLU B 87 -14.24 -8.09 17.94
CA GLU B 87 -14.66 -6.74 17.56
C GLU B 87 -13.44 -5.97 17.09
N LYS B 88 -12.30 -6.24 17.71
CA LYS B 88 -11.05 -5.59 17.36
C LYS B 88 -10.69 -5.95 15.92
N THR B 89 -10.84 -7.23 15.61
CA THR B 89 -10.50 -7.73 14.28
C THR B 89 -11.34 -7.09 13.20
N ALA B 90 -12.66 -7.05 13.40
CA ALA B 90 -13.54 -6.46 12.39
C ALA B 90 -13.22 -4.98 12.21
N TRP B 91 -12.86 -4.32 13.29
CA TRP B 91 -12.50 -2.91 13.22
C TRP B 91 -11.19 -2.70 12.45
N THR B 92 -10.17 -3.47 12.79
CA THR B 92 -8.89 -3.33 12.11
C THR B 92 -9.05 -3.53 10.60
N PHE B 93 -9.74 -4.59 10.24
CA PHE B 93 -9.92 -4.91 8.84
C PHE B 93 -10.90 -4.04 8.06
N SER B 94 -11.53 -3.09 8.74
CA SER B 94 -12.41 -2.16 8.08
C SER B 94 -11.84 -0.73 8.06
N ARG B 95 -10.60 -0.59 8.52
CA ARG B 95 -9.96 0.72 8.46
C ARG B 95 -9.37 0.88 7.06
N LYS B 96 -9.42 2.08 6.50
CA LYS B 96 -8.76 2.34 5.20
C LYS B 96 -7.29 2.57 5.51
N ALA B 97 -6.46 2.37 4.49
CA ALA B 97 -5.06 2.67 4.58
C ALA B 97 -4.27 2.10 5.73
N THR B 98 -4.28 0.77 5.88
CA THR B 98 -3.46 0.15 6.90
C THR B 98 -2.26 -0.47 6.20
N LEU B 99 -1.24 -0.73 6.98
CA LEU B 99 -0.04 -1.38 6.49
C LEU B 99 0.01 -2.73 7.19
N GLU B 100 0.08 -3.80 6.41
CA GLU B 100 0.19 -5.16 6.94
C GLU B 100 1.65 -5.57 6.82
N LEU B 101 2.31 -5.83 7.95
CA LEU B 101 3.71 -6.25 7.92
C LEU B 101 3.74 -7.71 8.28
N THR B 102 4.27 -8.53 7.37
CA THR B 102 4.32 -9.97 7.54
C THR B 102 5.70 -10.38 8.00
N HIS B 103 5.76 -11.05 9.15
CA HIS B 103 7.02 -11.52 9.70
C HIS B 103 7.08 -13.05 9.61
N ASN B 104 7.94 -13.57 8.74
CA ASN B 104 8.10 -15.00 8.64
C ASN B 104 9.18 -15.33 9.66
N TRP B 105 8.79 -16.04 10.72
CA TRP B 105 9.71 -16.34 11.80
C TRP B 105 11.06 -16.89 11.40
N GLY B 106 12.09 -16.33 12.02
CA GLY B 106 13.44 -16.79 11.74
C GLY B 106 14.28 -15.83 10.93
N THR B 107 13.66 -15.01 10.08
CA THR B 107 14.43 -14.08 9.27
C THR B 107 15.26 -13.11 10.11
N GLU B 108 14.80 -12.78 11.31
CA GLU B 108 15.54 -11.84 12.16
C GLU B 108 16.89 -12.43 12.61
N ASP B 109 17.06 -13.75 12.51
CA ASP B 109 18.33 -14.40 12.89
C ASP B 109 19.19 -14.81 11.70
N ASP B 110 18.77 -14.47 10.48
CA ASP B 110 19.53 -14.88 9.30
C ASP B 110 20.30 -13.71 8.71
N GLU B 111 21.61 -13.68 8.96
CA GLU B 111 22.41 -12.57 8.48
C GLU B 111 22.52 -12.51 6.96
N THR B 112 22.10 -13.56 6.29
CA THR B 112 22.22 -13.53 4.83
C THR B 112 20.90 -13.20 4.16
N GLN B 113 19.90 -12.82 4.94
CA GLN B 113 18.58 -12.55 4.38
C GLN B 113 18.17 -11.07 4.45
N SER B 114 17.50 -10.62 3.40
CA SER B 114 16.97 -9.26 3.32
C SER B 114 15.89 -9.32 2.25
N TYR B 115 14.87 -8.48 2.38
CA TYR B 115 13.79 -8.47 1.40
C TYR B 115 14.16 -7.48 0.30
N HIS B 116 13.52 -7.63 -0.85
CA HIS B 116 13.80 -6.80 -2.01
C HIS B 116 12.76 -5.71 -2.04
N ASN B 117 13.21 -4.45 -2.12
CA ASN B 117 12.28 -3.33 -2.06
C ASN B 117 11.55 -2.93 -3.33
N GLY B 118 11.85 -3.60 -4.45
CA GLY B 118 11.18 -3.32 -5.69
C GLY B 118 11.72 -2.22 -6.57
N ASN B 119 12.73 -1.49 -6.06
CA ASN B 119 13.34 -0.40 -6.80
C ASN B 119 14.65 -0.70 -7.52
N SER B 120 15.12 -1.94 -7.46
CA SER B 120 16.29 -2.40 -8.23
C SER B 120 15.74 -3.59 -9.03
N ASP B 121 16.39 -3.93 -10.16
CA ASP B 121 15.90 -5.04 -10.96
C ASP B 121 15.80 -6.30 -10.12
N PRO B 122 14.67 -7.02 -10.20
CA PRO B 122 13.47 -6.76 -11.00
C PRO B 122 12.55 -5.82 -10.25
N ARG B 123 12.17 -4.75 -10.92
CA ARG B 123 11.30 -3.74 -10.33
C ARG B 123 9.83 -4.10 -10.37
N GLY B 124 9.06 -3.50 -9.45
CA GLY B 124 7.63 -3.75 -9.40
C GLY B 124 7.06 -2.69 -8.48
N PHE B 125 6.81 -3.09 -7.25
CA PHE B 125 6.37 -2.16 -6.22
C PHE B 125 7.44 -1.08 -6.09
N GLY B 126 6.99 0.13 -5.76
CA GLY B 126 7.91 1.23 -5.60
C GLY B 126 7.98 1.78 -4.19
N HIS B 127 6.84 2.15 -3.59
CA HIS B 127 6.92 2.77 -2.25
C HIS B 127 5.55 3.02 -1.69
N ILE B 128 5.48 3.37 -0.40
CA ILE B 128 4.21 3.84 0.16
C ILE B 128 4.55 5.33 0.37
N GLY B 129 3.55 6.17 0.61
CA GLY B 129 3.87 7.58 0.79
C GLY B 129 2.95 8.14 1.84
N ILE B 130 3.50 9.08 2.63
CA ILE B 130 2.82 9.71 3.74
C ILE B 130 2.67 11.18 3.42
N ALA B 131 1.46 11.71 3.58
CA ALA B 131 1.19 13.14 3.35
C ALA B 131 1.42 13.85 4.70
N VAL B 132 2.20 14.92 4.68
CA VAL B 132 2.53 15.65 5.92
C VAL B 132 2.36 17.15 5.71
N PRO B 133 2.21 17.90 6.81
CA PRO B 133 2.04 19.36 6.68
C PRO B 133 3.31 20.14 6.35
N ASP B 134 4.49 19.59 6.64
CA ASP B 134 5.73 20.31 6.37
C ASP B 134 6.80 19.25 6.14
N VAL B 135 7.16 19.06 4.88
CA VAL B 135 8.13 18.02 4.56
C VAL B 135 9.48 18.30 5.18
N TYR B 136 9.85 19.57 5.25
CA TYR B 136 11.14 19.93 5.82
C TYR B 136 11.24 19.74 7.32
N SER B 137 10.20 20.08 8.09
CA SER B 137 10.30 19.84 9.52
C SER B 137 10.24 18.32 9.78
N ALA B 138 9.41 17.61 9.02
CA ALA B 138 9.29 16.17 9.18
C ALA B 138 10.64 15.51 8.94
N CYS B 139 11.28 15.87 7.83
CA CYS B 139 12.57 15.27 7.52
C CYS B 139 13.69 15.73 8.45
N LYS B 140 13.59 16.93 9.03
CA LYS B 140 14.63 17.34 9.97
C LYS B 140 14.56 16.44 11.20
N ARG B 141 13.34 16.14 11.63
CA ARG B 141 13.15 15.24 12.75
C ARG B 141 13.64 13.83 12.32
N PHE B 142 13.26 13.38 11.12
CA PHE B 142 13.74 12.06 10.71
C PHE B 142 15.25 11.99 10.73
N GLU B 143 15.91 13.01 10.20
CA GLU B 143 17.36 13.02 10.19
C GLU B 143 17.93 12.93 11.59
N GLU B 144 17.37 13.71 12.51
CA GLU B 144 17.84 13.71 13.90
C GLU B 144 17.62 12.36 14.59
N LEU B 145 16.64 11.59 14.12
CA LEU B 145 16.34 10.28 14.68
C LEU B 145 17.13 9.16 13.98
N GLY B 146 18.03 9.52 13.09
CA GLY B 146 18.87 8.54 12.41
C GLY B 146 18.27 7.81 11.23
N VAL B 147 17.17 8.31 10.70
CA VAL B 147 16.50 7.66 9.55
C VAL B 147 17.34 7.74 8.28
N LYS B 148 17.37 6.65 7.50
CA LYS B 148 18.12 6.66 6.24
C LYS B 148 17.30 7.26 5.10
N PHE B 149 17.96 8.04 4.27
CA PHE B 149 17.31 8.67 3.14
C PHE B 149 17.77 8.15 1.80
N VAL B 150 16.83 8.14 0.85
CA VAL B 150 17.08 7.79 -0.52
C VAL B 150 17.21 9.16 -1.22
N LYS B 151 16.29 10.08 -0.89
CA LYS B 151 16.30 11.42 -1.49
C LYS B 151 15.91 12.44 -0.42
N LYS B 152 16.80 13.39 -0.13
CA LYS B 152 16.44 14.44 0.82
C LYS B 152 15.51 15.38 0.07
N PRO B 153 14.64 16.10 0.76
CA PRO B 153 13.68 17.01 0.13
C PRO B 153 14.20 18.12 -0.79
N ASP B 154 15.37 18.66 -0.47
CA ASP B 154 15.98 19.72 -1.28
C ASP B 154 16.87 19.18 -2.38
N ASP B 155 17.04 17.87 -2.48
CA ASP B 155 17.90 17.29 -3.51
C ASP B 155 17.19 17.05 -4.82
N GLY B 156 17.87 17.37 -5.92
CA GLY B 156 17.29 17.14 -7.22
C GLY B 156 16.32 18.20 -7.65
N LYS B 157 15.68 17.99 -8.79
CA LYS B 157 14.74 18.95 -9.31
C LYS B 157 13.37 18.90 -8.66
N MET B 158 13.02 17.75 -8.09
CA MET B 158 11.72 17.58 -7.43
C MET B 158 11.90 18.05 -5.99
N LYS B 159 11.94 19.36 -5.77
CA LYS B 159 12.15 19.90 -4.42
C LYS B 159 10.91 19.86 -3.53
N GLY B 160 11.15 19.57 -2.26
CA GLY B 160 10.05 19.49 -1.31
C GLY B 160 9.40 18.12 -1.24
N LEU B 161 10.01 17.14 -1.90
CA LEU B 161 9.52 15.78 -1.89
C LEU B 161 10.69 14.88 -1.45
N ALA B 162 10.50 14.03 -0.44
CA ALA B 162 11.59 13.18 0.06
C ALA B 162 11.22 11.71 0.03
N PHE B 163 12.26 10.87 0.09
CA PHE B 163 12.07 9.43 0.16
C PHE B 163 13.01 8.92 1.23
N ILE B 164 12.45 8.27 2.24
CA ILE B 164 13.25 7.67 3.30
C ILE B 164 13.08 6.16 3.22
N GLN B 165 13.75 5.42 4.08
CA GLN B 165 13.63 3.96 4.04
C GLN B 165 13.26 3.45 5.41
N ASP B 166 12.52 2.34 5.46
CA ASP B 166 12.16 1.73 6.74
C ASP B 166 13.29 0.73 7.06
N PRO B 167 13.23 0.02 8.19
CA PRO B 167 14.28 -0.94 8.55
C PRO B 167 14.60 -2.01 7.51
N ASP B 168 13.64 -2.35 6.65
CA ASP B 168 13.90 -3.33 5.63
C ASP B 168 14.42 -2.72 4.32
N GLY B 169 14.42 -1.39 4.21
CA GLY B 169 14.87 -0.78 2.98
C GLY B 169 13.71 -0.33 2.10
N TYR B 170 12.47 -0.62 2.50
CA TYR B 170 11.38 -0.14 1.67
C TYR B 170 11.37 1.39 1.63
N TRP B 171 11.05 1.92 0.46
CA TRP B 171 11.01 3.37 0.26
C TRP B 171 9.69 3.95 0.71
N ILE B 172 9.78 5.11 1.38
CA ILE B 172 8.58 5.81 1.84
C ILE B 172 8.68 7.25 1.42
N GLU B 173 7.71 7.66 0.63
CA GLU B 173 7.65 9.04 0.16
C GLU B 173 7.08 9.95 1.25
N ILE B 174 7.61 11.16 1.34
CA ILE B 174 7.13 12.14 2.34
C ILE B 174 6.80 13.34 1.45
N LEU B 175 5.52 13.71 1.43
CA LEU B 175 5.04 14.75 0.54
C LEU B 175 4.07 15.69 1.23
N ASN B 176 4.02 16.92 0.71
CA ASN B 176 3.10 17.94 1.21
C ASN B 176 2.10 18.16 0.07
N PRO B 177 0.83 17.72 0.26
CA PRO B 177 -0.18 17.88 -0.78
C PRO B 177 -0.38 19.28 -1.32
N ASN B 178 -0.13 20.26 -0.47
CA ASN B 178 -0.33 21.65 -0.86
C ASN B 178 0.80 22.24 -1.66
N LYS B 179 1.94 21.56 -1.63
CA LYS B 179 3.11 22.04 -2.37
C LYS B 179 3.48 21.17 -3.55
N ILE B 180 2.74 20.09 -3.76
CA ILE B 180 3.00 19.16 -4.86
C ILE B 180 2.87 19.77 -6.25
N ALA B 181 1.87 20.61 -6.43
CA ALA B 181 1.62 21.22 -7.72
C ALA B 181 2.84 21.96 -8.28
N THR B 182 3.68 22.52 -7.42
CA THR B 182 4.86 23.24 -7.91
C THR B 182 5.91 22.39 -8.60
N ILE B 183 5.84 21.08 -8.46
CA ILE B 183 6.84 20.22 -9.10
C ILE B 183 6.21 19.22 -10.05
N ILE B 184 4.97 19.44 -10.47
CA ILE B 184 4.37 18.50 -11.40
C ILE B 184 4.47 19.01 -12.82
#